data_2Z6V
#
_entry.id   2Z6V
#
_cell.length_a   229.517
_cell.length_b   229.517
_cell.length_c   56.891
_cell.angle_alpha   90.00
_cell.angle_beta   90.00
_cell.angle_gamma   90.00
#
_symmetry.space_group_name_H-M   'I 41 2 2'
#
loop_
_entity.id
_entity.type
_entity.pdbx_description
1 polymer 'Putative uncharacterized protein'
2 non-polymer 'SULFATE ION'
3 non-polymer 'PALMITIC ACID'
4 water water
#
_entity_poly.entity_id   1
_entity_poly.type   'polypeptide(L)'
_entity_poly.pdbx_seq_one_letter_code
;MGSSHHHHHHSSGLVPAGSHMSDFDNITTADDVFKLAAQRTGLSEIDSDSWREGLALIVDEVNTSPVFTPFGRQRVLDDA
TNALGRRLQVHAYIQDHPEVLDAPVERPLIVLGMPRTGTTVISYLLDQDPARRSLLHWQCVHPIPPASTETLRTDPRCLA
LLDEQRKILDAVTRAKMPLPHWEDADGPTEDMFIHNQDFKGLSWDSFLPTDRYARWLFDEADMSSTYEYQKRYLQVLQST
APGSWSLKMPSHSVHIEALLKVFPDARLIWAHRDPYKATGSLCNLWRLPQSLVMNTELLDQTEMGRLAMWQMRYHVDRPL
RARERIGDERFFHMYYHEMMRDPMDVMRRIYEWADEPLTAETEARMRNWLAHHPQDRFALNAYRLDEYGLTVEALQPIFA
EYLDTFDIELEGRP
;
_entity_poly.pdbx_strand_id   A
#
loop_
_chem_comp.id
_chem_comp.type
_chem_comp.name
_chem_comp.formula
PLM non-polymer 'PALMITIC ACID' 'C16 H32 O2'
SO4 non-polymer 'SULFATE ION' 'O4 S -2'
#
# COMPACT_ATOMS: atom_id res chain seq x y z
N SER A 22 -18.52 22.34 -2.97
CA SER A 22 -17.54 21.32 -2.51
C SER A 22 -16.82 21.76 -1.23
N ASP A 23 -17.57 22.05 -0.17
CA ASP A 23 -16.95 22.45 1.09
C ASP A 23 -17.26 21.48 2.23
N PHE A 24 -16.31 21.35 3.14
CA PHE A 24 -16.41 20.43 4.26
C PHE A 24 -16.94 21.05 5.54
N ASP A 25 -17.86 22.00 5.40
CA ASP A 25 -18.43 22.66 6.56
C ASP A 25 -19.67 21.90 7.00
N ASN A 26 -20.41 21.40 6.00
CA ASN A 26 -21.65 20.67 6.25
C ASN A 26 -21.48 19.15 6.15
N ILE A 27 -20.25 18.67 6.33
CA ILE A 27 -19.99 17.24 6.26
C ILE A 27 -19.97 16.65 7.67
N THR A 28 -21.09 16.02 8.03
CA THR A 28 -21.22 15.44 9.36
C THR A 28 -21.29 13.91 9.34
N THR A 29 -21.73 13.33 8.22
CA THR A 29 -21.83 11.88 8.10
C THR A 29 -21.17 11.31 6.85
N ALA A 30 -21.10 9.99 6.79
CA ALA A 30 -20.53 9.29 5.65
C ALA A 30 -21.39 9.55 4.42
N ASP A 31 -22.69 9.69 4.62
CA ASP A 31 -23.60 9.93 3.50
C ASP A 31 -23.38 11.31 2.89
N ASP A 32 -22.93 12.28 3.69
CA ASP A 32 -22.67 13.62 3.19
C ASP A 32 -21.46 13.54 2.28
N VAL A 33 -20.47 12.76 2.69
CA VAL A 33 -19.26 12.56 1.91
C VAL A 33 -19.68 11.93 0.59
N PHE A 34 -20.61 10.97 0.67
CA PHE A 34 -21.09 10.31 -0.53
C PHE A 34 -21.72 11.32 -1.47
N LYS A 35 -22.57 12.20 -0.95
CA LYS A 35 -23.24 13.20 -1.79
C LYS A 35 -22.24 14.07 -2.54
N LEU A 36 -21.20 14.50 -1.84
CA LEU A 36 -20.18 15.33 -2.43
C LEU A 36 -19.46 14.59 -3.56
N ALA A 37 -19.11 13.33 -3.31
CA ALA A 37 -18.44 12.50 -4.30
C ALA A 37 -19.34 12.30 -5.53
N ALA A 38 -20.65 12.17 -5.29
CA ALA A 38 -21.62 11.99 -6.36
C ALA A 38 -21.71 13.28 -7.14
N GLN A 39 -21.57 14.39 -6.42
CA GLN A 39 -21.63 15.72 -6.98
C GLN A 39 -20.45 15.92 -7.91
N ARG A 40 -19.24 15.69 -7.40
CA ARG A 40 -18.02 15.85 -8.19
C ARG A 40 -17.94 14.93 -9.40
N THR A 41 -18.15 13.64 -9.20
CA THR A 41 -18.07 12.66 -10.29
C THR A 41 -19.26 12.66 -11.24
N GLY A 42 -20.42 13.13 -10.77
CA GLY A 42 -21.62 13.13 -11.61
C GLY A 42 -22.25 11.75 -11.67
N LEU A 43 -21.87 10.89 -10.73
CA LEU A 43 -22.39 9.52 -10.64
C LEU A 43 -22.99 9.30 -9.25
N SER A 44 -24.04 8.48 -9.17
CA SER A 44 -24.67 8.24 -7.88
C SER A 44 -24.88 6.77 -7.51
N GLU A 45 -24.72 5.86 -8.47
CA GLU A 45 -24.88 4.45 -8.17
C GLU A 45 -23.58 3.86 -7.62
N ILE A 46 -23.70 2.83 -6.79
CA ILE A 46 -22.54 2.19 -6.20
C ILE A 46 -22.82 0.69 -6.10
N ASP A 47 -21.77 -0.12 -6.04
CA ASP A 47 -21.96 -1.57 -6.00
C ASP A 47 -22.50 -2.14 -4.70
N SER A 48 -22.15 -1.54 -3.57
CA SER A 48 -22.63 -2.05 -2.29
C SER A 48 -22.56 -1.03 -1.18
N ASP A 49 -22.74 -1.51 0.04
CA ASP A 49 -22.76 -0.69 1.24
C ASP A 49 -21.46 -0.80 2.05
N SER A 50 -20.60 -1.74 1.65
CA SER A 50 -19.33 -2.01 2.34
C SER A 50 -18.44 -0.83 2.69
N TRP A 51 -18.51 0.23 1.89
CA TRP A 51 -17.69 1.43 2.10
C TRP A 51 -18.09 2.25 3.31
N ARG A 52 -19.37 2.23 3.63
CA ARG A 52 -19.90 3.04 4.71
C ARG A 52 -19.36 2.82 6.11
N GLU A 53 -19.27 1.58 6.56
CA GLU A 53 -18.82 1.34 7.92
C GLU A 53 -17.48 2.01 8.26
N GLY A 54 -16.46 1.81 7.42
CA GLY A 54 -15.17 2.41 7.68
C GLY A 54 -15.15 3.92 7.56
N LEU A 55 -15.80 4.46 6.52
CA LEU A 55 -15.84 5.91 6.35
C LEU A 55 -16.52 6.57 7.55
N ALA A 56 -17.55 5.93 8.10
CA ALA A 56 -18.25 6.48 9.25
C ALA A 56 -17.33 6.63 10.48
N LEU A 57 -16.42 5.68 10.64
CA LEU A 57 -15.46 5.71 11.74
C LEU A 57 -14.51 6.89 11.57
N ILE A 58 -14.02 7.05 10.34
CA ILE A 58 -13.09 8.12 10.00
C ILE A 58 -13.75 9.47 10.23
N VAL A 59 -14.93 9.65 9.66
CA VAL A 59 -15.68 10.90 9.76
C VAL A 59 -16.01 11.27 11.21
N ASP A 60 -16.46 10.28 11.98
CA ASP A 60 -16.81 10.51 13.36
C ASP A 60 -15.63 11.07 14.14
N GLU A 61 -14.43 10.61 13.80
CA GLU A 61 -13.24 11.06 14.48
C GLU A 61 -12.74 12.43 14.04
N VAL A 62 -12.76 12.71 12.74
CA VAL A 62 -12.30 14.02 12.29
C VAL A 62 -13.24 15.12 12.81
N ASN A 63 -14.48 14.75 13.08
CA ASN A 63 -15.47 15.69 13.60
C ASN A 63 -15.26 15.89 15.10
N THR A 64 -15.07 14.78 15.82
CA THR A 64 -14.93 14.82 17.27
C THR A 64 -13.54 15.03 17.87
N SER A 65 -12.51 14.39 17.32
CA SER A 65 -11.16 14.54 17.89
C SER A 65 -10.62 15.95 17.81
N PRO A 66 -10.08 16.45 18.94
CA PRO A 66 -9.49 17.79 19.04
C PRO A 66 -8.05 17.85 18.53
N VAL A 67 -7.44 16.69 18.31
CA VAL A 67 -6.07 16.67 17.83
C VAL A 67 -5.93 17.16 16.39
N PHE A 68 -7.04 17.16 15.65
CA PHE A 68 -7.04 17.61 14.27
C PHE A 68 -6.97 19.11 14.11
N THR A 69 -6.23 19.54 13.09
CA THR A 69 -6.10 20.95 12.75
C THR A 69 -7.34 21.21 11.90
N PRO A 70 -7.92 22.41 11.98
CA PRO A 70 -9.11 22.62 11.14
C PRO A 70 -8.80 22.27 9.68
N PHE A 71 -7.56 22.53 9.29
CA PHE A 71 -7.14 22.22 7.93
C PHE A 71 -7.06 20.70 7.77
N GLY A 72 -6.42 20.05 8.74
CA GLY A 72 -6.27 18.60 8.71
C GLY A 72 -7.57 17.87 8.49
N ARG A 73 -8.62 18.34 9.16
CA ARG A 73 -9.94 17.75 9.03
C ARG A 73 -10.36 17.80 7.56
N GLN A 74 -10.33 18.99 6.98
CA GLN A 74 -10.70 19.17 5.59
C GLN A 74 -9.89 18.27 4.69
N ARG A 75 -8.58 18.21 4.94
CA ARG A 75 -7.69 17.37 4.15
C ARG A 75 -8.14 15.89 4.15
N VAL A 76 -8.37 15.34 5.34
CA VAL A 76 -8.80 13.94 5.45
C VAL A 76 -10.14 13.72 4.75
N LEU A 77 -11.08 14.64 4.94
CA LEU A 77 -12.39 14.52 4.32
C LEU A 77 -12.28 14.68 2.81
N ASP A 78 -11.36 15.54 2.36
CA ASP A 78 -11.18 15.75 0.93
C ASP A 78 -10.62 14.47 0.30
N ASP A 79 -9.69 13.83 0.98
CA ASP A 79 -9.10 12.60 0.47
C ASP A 79 -10.14 11.47 0.46
N ALA A 80 -10.98 11.42 1.48
CA ALA A 80 -12.01 10.39 1.58
C ALA A 80 -13.00 10.55 0.43
N THR A 81 -13.35 11.80 0.14
CA THR A 81 -14.28 12.13 -0.93
C THR A 81 -13.72 11.66 -2.25
N ASN A 82 -12.48 12.02 -2.53
CA ASN A 82 -11.84 11.62 -3.78
C ASN A 82 -11.73 10.10 -3.90
N ALA A 83 -11.42 9.43 -2.78
CA ALA A 83 -11.30 7.98 -2.76
C ALA A 83 -12.65 7.35 -3.09
N LEU A 84 -13.71 7.86 -2.45
CA LEU A 84 -15.05 7.34 -2.68
C LEU A 84 -15.50 7.65 -4.11
N GLY A 85 -15.04 8.77 -4.65
CA GLY A 85 -15.40 9.15 -6.01
C GLY A 85 -14.86 8.13 -7.00
N ARG A 86 -13.66 7.61 -6.72
CA ARG A 86 -13.05 6.59 -7.58
C ARG A 86 -13.92 5.35 -7.59
N ARG A 87 -14.39 5.00 -6.39
CA ARG A 87 -15.25 3.84 -6.20
C ARG A 87 -16.48 4.02 -7.09
N LEU A 88 -17.02 5.23 -7.11
CA LEU A 88 -18.19 5.54 -7.94
C LEU A 88 -17.87 5.44 -9.42
N GLN A 89 -16.69 5.93 -9.80
CA GLN A 89 -16.26 5.90 -11.19
C GLN A 89 -16.05 4.49 -11.70
N VAL A 90 -15.46 3.62 -10.87
CA VAL A 90 -15.20 2.24 -11.28
C VAL A 90 -16.50 1.45 -11.41
N HIS A 91 -17.49 1.78 -10.58
CA HIS A 91 -18.76 1.08 -10.63
C HIS A 91 -19.54 1.44 -11.89
N ALA A 92 -19.51 2.71 -12.26
CA ALA A 92 -20.22 3.15 -13.46
C ALA A 92 -19.62 2.48 -14.69
N TYR A 93 -18.29 2.39 -14.70
CA TYR A 93 -17.59 1.79 -15.81
C TYR A 93 -17.93 0.31 -15.96
N ILE A 94 -17.84 -0.43 -14.86
CA ILE A 94 -18.14 -1.86 -14.90
C ILE A 94 -19.56 -2.11 -15.40
N GLN A 95 -20.52 -1.31 -14.95
CA GLN A 95 -21.89 -1.47 -15.41
C GLN A 95 -21.94 -1.35 -16.94
N ASP A 96 -21.18 -0.40 -17.50
CA ASP A 96 -21.15 -0.23 -18.96
C ASP A 96 -20.26 -1.25 -19.65
N HIS A 97 -19.47 -2.00 -18.90
CA HIS A 97 -18.57 -3.00 -19.49
C HIS A 97 -18.52 -4.29 -18.65
N PRO A 98 -19.66 -4.99 -18.54
CA PRO A 98 -19.76 -6.24 -17.75
C PRO A 98 -18.69 -7.27 -18.13
N GLU A 99 -18.38 -7.35 -19.41
CA GLU A 99 -17.40 -8.30 -19.90
C GLU A 99 -16.07 -8.33 -19.12
N VAL A 100 -15.63 -7.18 -18.60
CA VAL A 100 -14.36 -7.14 -17.86
C VAL A 100 -14.32 -8.11 -16.69
N LEU A 101 -15.48 -8.42 -16.13
CA LEU A 101 -15.58 -9.33 -14.99
C LEU A 101 -15.40 -10.79 -15.39
N ASP A 102 -15.46 -11.07 -16.68
CA ASP A 102 -15.32 -12.43 -17.17
C ASP A 102 -13.86 -12.84 -17.38
N ALA A 103 -12.98 -11.85 -17.53
CA ALA A 103 -11.57 -12.12 -17.72
C ALA A 103 -10.95 -12.32 -16.35
N PRO A 104 -10.29 -13.47 -16.14
CA PRO A 104 -9.66 -13.78 -14.85
C PRO A 104 -8.38 -13.00 -14.56
N VAL A 105 -8.02 -12.99 -13.27
CA VAL A 105 -6.79 -12.37 -12.80
C VAL A 105 -6.04 -13.59 -12.26
N GLU A 106 -5.22 -14.21 -13.10
CA GLU A 106 -4.52 -15.43 -12.69
C GLU A 106 -3.11 -15.34 -12.14
N ARG A 107 -2.90 -16.10 -11.07
CA ARG A 107 -1.63 -16.21 -10.39
C ARG A 107 -0.89 -14.89 -10.22
N PRO A 108 -1.56 -13.89 -9.63
CA PRO A 108 -0.91 -12.60 -9.43
C PRO A 108 0.29 -12.72 -8.50
N LEU A 109 1.36 -12.01 -8.82
CA LEU A 109 2.57 -12.02 -8.01
C LEU A 109 2.31 -10.95 -6.96
N ILE A 110 2.26 -11.34 -5.69
CA ILE A 110 1.97 -10.40 -4.62
C ILE A 110 3.00 -10.32 -3.50
N VAL A 111 3.50 -9.12 -3.23
CA VAL A 111 4.51 -8.91 -2.18
C VAL A 111 3.84 -8.44 -0.88
N LEU A 112 4.14 -9.12 0.22
CA LEU A 112 3.53 -8.78 1.51
C LEU A 112 4.54 -8.89 2.63
N GLY A 113 4.12 -8.54 3.84
CA GLY A 113 5.02 -8.61 4.98
C GLY A 113 4.88 -7.37 5.86
N MET A 114 5.95 -7.01 6.55
CA MET A 114 5.90 -5.83 7.41
C MET A 114 6.18 -4.58 6.57
N PRO A 115 5.75 -3.41 7.06
CA PRO A 115 6.02 -2.20 6.28
C PRO A 115 7.48 -1.85 6.58
N ARG A 116 8.11 -1.04 5.73
CA ARG A 116 9.49 -0.64 5.96
C ARG A 116 10.50 -1.76 5.74
N THR A 117 10.20 -2.69 4.83
CA THR A 117 11.11 -3.79 4.55
C THR A 117 12.06 -3.48 3.40
N GLY A 118 11.93 -2.29 2.81
CA GLY A 118 12.79 -1.88 1.71
C GLY A 118 12.61 -2.67 0.44
N THR A 119 11.36 -2.91 0.06
CA THR A 119 11.00 -3.70 -1.12
C THR A 119 10.95 -2.91 -2.42
N THR A 120 11.02 -1.59 -2.32
CA THR A 120 10.96 -0.74 -3.49
C THR A 120 11.64 -1.30 -4.74
N VAL A 121 12.91 -1.70 -4.63
CA VAL A 121 13.64 -2.23 -5.79
C VAL A 121 12.94 -3.34 -6.59
N ILE A 122 12.48 -4.37 -5.90
CA ILE A 122 11.81 -5.46 -6.60
C ILE A 122 10.57 -5.02 -7.34
N SER A 123 9.78 -4.12 -6.75
CA SER A 123 8.58 -3.65 -7.41
C SER A 123 8.93 -3.08 -8.77
N TYR A 124 9.99 -2.27 -8.82
CA TYR A 124 10.42 -1.66 -10.08
C TYR A 124 11.05 -2.65 -11.04
N LEU A 125 11.77 -3.64 -10.52
CA LEU A 125 12.39 -4.62 -11.40
C LEU A 125 11.35 -5.50 -12.10
N LEU A 126 10.30 -5.88 -11.37
CA LEU A 126 9.25 -6.71 -11.94
C LEU A 126 8.50 -5.90 -12.98
N ASP A 127 8.50 -4.58 -12.81
CA ASP A 127 7.80 -3.69 -13.73
C ASP A 127 8.56 -3.55 -15.04
N GLN A 128 9.79 -4.05 -15.07
CA GLN A 128 10.64 -4.00 -16.26
C GLN A 128 10.30 -5.10 -17.26
N ASP A 129 9.51 -6.09 -16.82
CA ASP A 129 9.11 -7.20 -17.67
C ASP A 129 7.86 -6.75 -18.44
N PRO A 130 7.96 -6.59 -19.77
CA PRO A 130 6.79 -6.14 -20.55
C PRO A 130 5.56 -7.05 -20.54
N ALA A 131 5.71 -8.27 -20.05
CA ALA A 131 4.57 -9.20 -19.99
C ALA A 131 3.85 -9.10 -18.65
N ARG A 132 4.45 -8.34 -17.74
CA ARG A 132 3.89 -8.16 -16.41
C ARG A 132 3.26 -6.77 -16.24
N ARG A 133 2.11 -6.72 -15.58
CA ARG A 133 1.43 -5.45 -15.33
C ARG A 133 1.63 -5.09 -13.87
N SER A 134 1.73 -3.80 -13.60
CA SER A 134 1.89 -3.30 -12.24
C SER A 134 0.84 -2.21 -12.02
N LEU A 135 0.48 -1.97 -10.77
CA LEU A 135 -0.50 -0.94 -10.44
C LEU A 135 0.29 0.36 -10.34
N LEU A 136 0.00 1.30 -11.23
CA LEU A 136 0.70 2.57 -11.21
C LEU A 136 -0.08 3.57 -10.39
N HIS A 137 0.64 4.47 -9.72
CA HIS A 137 -0.01 5.46 -8.89
C HIS A 137 -1.11 6.28 -9.58
N TRP A 138 -0.92 6.67 -10.83
CA TRP A 138 -1.95 7.46 -11.49
C TRP A 138 -3.25 6.68 -11.66
N GLN A 139 -3.17 5.36 -11.65
CA GLN A 139 -4.35 4.53 -11.80
C GLN A 139 -5.12 4.46 -10.48
N CYS A 140 -4.52 5.01 -9.43
CA CYS A 140 -5.18 5.05 -8.14
C CYS A 140 -5.73 6.45 -7.87
N VAL A 141 -5.57 7.33 -8.86
CA VAL A 141 -6.06 8.69 -8.78
C VAL A 141 -7.17 8.85 -9.82
N HIS A 142 -6.87 8.46 -11.06
CA HIS A 142 -7.85 8.56 -12.15
C HIS A 142 -7.93 7.23 -12.91
N PRO A 143 -8.56 6.20 -12.31
CA PRO A 143 -8.68 4.88 -12.92
C PRO A 143 -9.51 4.76 -14.21
N ILE A 144 -10.63 5.48 -14.26
CA ILE A 144 -11.55 5.43 -15.39
C ILE A 144 -11.41 6.61 -16.34
N PRO A 145 -11.31 6.34 -17.66
CA PRO A 145 -11.31 5.03 -18.35
C PRO A 145 -9.88 4.46 -18.40
N PRO A 146 -9.74 3.13 -18.43
CA PRO A 146 -8.39 2.53 -18.45
C PRO A 146 -7.62 2.82 -19.74
N ALA A 147 -6.29 2.85 -19.62
CA ALA A 147 -5.43 3.13 -20.76
C ALA A 147 -4.84 1.87 -21.39
N SER A 148 -4.40 2.01 -22.62
CA SER A 148 -3.77 0.91 -23.34
C SER A 148 -2.37 0.68 -22.77
N THR A 149 -1.82 -0.50 -23.05
CA THR A 149 -0.49 -0.87 -22.59
C THR A 149 0.56 0.18 -23.05
N GLU A 150 0.54 0.50 -24.33
CA GLU A 150 1.48 1.46 -24.89
C GLU A 150 1.50 2.84 -24.22
N THR A 151 0.40 3.22 -23.57
CA THR A 151 0.32 4.52 -22.95
C THR A 151 0.25 4.54 -21.41
N LEU A 152 0.56 3.42 -20.76
CA LEU A 152 0.50 3.37 -19.31
C LEU A 152 1.37 4.44 -18.66
N ARG A 153 2.37 4.93 -19.39
CA ARG A 153 3.24 5.96 -18.85
C ARG A 153 3.15 7.31 -19.56
N THR A 154 2.37 7.38 -20.64
CA THR A 154 2.24 8.63 -21.39
C THR A 154 0.82 9.19 -21.45
N ASP A 155 -0.10 8.51 -20.78
CA ASP A 155 -1.48 8.95 -20.77
C ASP A 155 -1.55 10.35 -20.13
N PRO A 156 -2.27 11.28 -20.77
CA PRO A 156 -2.42 12.66 -20.28
C PRO A 156 -2.72 12.77 -18.78
N ARG A 157 -3.44 11.81 -18.22
CA ARG A 157 -3.76 11.87 -16.80
C ARG A 157 -2.48 11.61 -16.01
N CYS A 158 -1.63 10.75 -16.55
CA CYS A 158 -0.36 10.47 -15.90
C CYS A 158 0.56 11.68 -16.06
N LEU A 159 0.63 12.22 -17.27
CA LEU A 159 1.47 13.39 -17.51
C LEU A 159 1.02 14.58 -16.66
N ALA A 160 -0.29 14.79 -16.59
CA ALA A 160 -0.84 15.89 -15.81
C ALA A 160 -0.45 15.76 -14.35
N LEU A 161 -0.48 14.54 -13.85
CA LEU A 161 -0.13 14.26 -12.46
C LEU A 161 1.34 14.57 -12.23
N LEU A 162 2.17 14.29 -13.23
CA LEU A 162 3.60 14.52 -13.18
C LEU A 162 3.88 16.01 -13.24
N ASP A 163 3.09 16.71 -14.04
CA ASP A 163 3.31 18.13 -14.20
C ASP A 163 2.87 18.96 -13.00
N GLU A 164 1.79 18.59 -12.34
CA GLU A 164 1.37 19.38 -11.19
C GLU A 164 2.21 18.98 -9.99
N GLN A 165 2.98 17.91 -10.16
CA GLN A 165 3.86 17.41 -9.12
C GLN A 165 5.11 18.28 -9.22
N ARG A 166 5.47 18.60 -10.46
CA ARG A 166 6.61 19.45 -10.77
C ARG A 166 6.15 20.89 -10.57
N LYS A 167 4.83 21.05 -10.48
CA LYS A 167 4.21 22.35 -10.31
C LYS A 167 3.89 22.61 -8.83
N ILE A 168 4.73 22.07 -7.96
CA ILE A 168 4.59 22.26 -6.53
C ILE A 168 6.00 22.18 -5.96
N LEU A 169 6.96 22.52 -6.80
CA LEU A 169 8.37 22.53 -6.43
C LEU A 169 8.73 23.91 -5.89
N ASP A 170 7.79 24.53 -5.17
CA ASP A 170 8.01 25.84 -4.60
C ASP A 170 9.33 25.90 -3.83
N ALA A 171 10.30 26.58 -4.43
CA ALA A 171 11.61 26.73 -3.82
C ALA A 171 11.55 27.69 -2.63
N VAL A 172 10.40 27.72 -1.96
CA VAL A 172 10.20 28.58 -0.80
C VAL A 172 10.97 28.02 0.40
N THR A 173 12.30 28.08 0.30
CA THR A 173 13.22 27.59 1.33
C THR A 173 12.66 26.45 2.16
N ARG A 174 12.00 25.51 1.48
CA ARG A 174 11.41 24.34 2.14
C ARG A 174 11.90 23.08 1.43
N ALA A 175 12.27 22.08 2.22
CA ALA A 175 12.76 20.82 1.67
C ALA A 175 11.74 20.18 0.72
N LYS A 176 10.61 19.73 1.28
CA LYS A 176 9.55 19.07 0.52
C LYS A 176 8.72 18.30 1.55
N MET A 177 8.09 17.22 1.10
CA MET A 177 7.31 16.34 1.97
C MET A 177 7.51 14.94 1.41
N PRO A 178 8.58 14.26 1.86
CA PRO A 178 9.01 12.91 1.50
C PRO A 178 7.95 11.93 1.02
N LEU A 179 7.37 12.21 -0.15
CA LEU A 179 6.36 11.35 -0.75
C LEU A 179 5.93 11.74 -2.17
N PRO A 180 6.90 12.11 -3.03
CA PRO A 180 6.48 12.47 -4.39
C PRO A 180 6.07 11.21 -5.15
N HIS A 181 5.25 10.38 -4.52
CA HIS A 181 4.76 9.12 -5.08
C HIS A 181 4.70 9.12 -6.60
N TRP A 182 5.55 8.30 -7.23
CA TRP A 182 5.60 8.18 -8.68
C TRP A 182 6.96 7.72 -9.20
N GLU A 183 8.01 8.43 -8.79
CA GLU A 183 9.37 8.13 -9.25
C GLU A 183 9.36 8.51 -10.73
N ASP A 184 9.88 7.64 -11.58
CA ASP A 184 9.89 7.91 -13.01
C ASP A 184 8.46 8.12 -13.47
N ALA A 185 8.29 8.34 -14.77
CA ALA A 185 6.97 8.57 -15.33
C ALA A 185 6.04 7.42 -15.04
N ASP A 186 5.29 7.52 -13.94
CA ASP A 186 4.32 6.48 -13.59
C ASP A 186 4.93 5.18 -13.08
N GLY A 187 5.03 5.06 -11.76
CA GLY A 187 5.60 3.86 -11.20
C GLY A 187 4.66 3.06 -10.33
N PRO A 188 5.07 1.84 -9.96
CA PRO A 188 4.27 0.96 -9.11
C PRO A 188 3.87 1.59 -7.78
N THR A 189 2.68 1.26 -7.30
CA THR A 189 2.19 1.77 -6.02
C THR A 189 1.57 0.59 -5.28
N GLU A 190 1.15 0.80 -4.03
CA GLU A 190 0.52 -0.26 -3.24
C GLU A 190 -0.97 -0.42 -3.51
N ASP A 191 -1.48 -1.62 -3.25
CA ASP A 191 -2.89 -1.90 -3.44
C ASP A 191 -3.66 -1.11 -2.40
N MET A 192 -2.93 -0.52 -1.47
CA MET A 192 -3.52 0.29 -0.41
C MET A 192 -4.39 1.37 -1.01
N PHE A 193 -3.96 1.93 -2.13
CA PHE A 193 -4.71 3.00 -2.78
C PHE A 193 -5.89 2.55 -3.62
N ILE A 194 -6.19 1.25 -3.56
CA ILE A 194 -7.38 0.69 -4.20
C ILE A 194 -8.26 0.42 -3.00
N HIS A 195 -7.66 -0.23 -2.00
CA HIS A 195 -8.32 -0.59 -0.76
C HIS A 195 -8.93 0.58 0.02
N ASN A 196 -8.21 1.69 0.15
CA ASN A 196 -8.74 2.83 0.88
C ASN A 196 -10.03 3.33 0.27
N GLN A 197 -10.31 2.91 -0.97
CA GLN A 197 -11.54 3.32 -1.66
C GLN A 197 -12.74 2.54 -1.11
N ASP A 198 -12.47 1.58 -0.23
CA ASP A 198 -13.53 0.82 0.40
C ASP A 198 -13.43 1.10 1.89
N PHE A 199 -12.59 2.07 2.22
CA PHE A 199 -12.36 2.50 3.60
C PHE A 199 -12.07 1.37 4.58
N LYS A 200 -11.22 0.45 4.11
CA LYS A 200 -10.74 -0.70 4.88
C LYS A 200 -9.29 -0.88 4.45
N GLY A 201 -8.49 0.12 4.79
CA GLY A 201 -7.08 0.14 4.46
C GLY A 201 -6.33 0.78 5.62
N LEU A 202 -5.22 0.19 5.99
CA LEU A 202 -4.43 0.67 7.10
C LEU A 202 -3.89 2.10 6.93
N SER A 203 -3.88 2.63 5.71
CA SER A 203 -3.35 3.98 5.50
C SER A 203 -4.18 5.06 6.20
N TRP A 204 -5.49 4.84 6.29
CA TRP A 204 -6.35 5.82 6.94
C TRP A 204 -5.97 6.05 8.41
N ASP A 205 -5.50 4.99 9.07
CA ASP A 205 -5.12 5.08 10.48
C ASP A 205 -3.94 6.00 10.74
N SER A 206 -3.10 6.22 9.75
CA SER A 206 -1.96 7.10 9.96
C SER A 206 -2.41 8.56 9.93
N PHE A 207 -3.66 8.78 9.54
CA PHE A 207 -4.22 10.13 9.49
C PHE A 207 -5.15 10.33 10.66
N LEU A 208 -5.21 9.34 11.56
CA LEU A 208 -6.08 9.44 12.73
C LEU A 208 -5.24 9.44 14.03
N PRO A 209 -5.63 10.28 14.99
CA PRO A 209 -4.90 10.39 16.27
C PRO A 209 -4.97 9.16 17.16
N THR A 210 -6.07 8.42 17.07
CA THR A 210 -6.22 7.22 17.89
C THR A 210 -6.03 5.96 17.07
N ASP A 211 -6.28 4.81 17.69
CA ASP A 211 -6.10 3.54 17.03
C ASP A 211 -7.43 2.80 16.90
N ARG A 212 -8.54 3.51 17.09
CA ARG A 212 -9.84 2.88 16.98
C ARG A 212 -10.04 2.31 15.58
N TYR A 213 -9.76 3.11 14.55
CA TYR A 213 -9.93 2.64 13.18
C TYR A 213 -9.06 1.41 12.91
N ALA A 214 -7.80 1.43 13.36
CA ALA A 214 -6.91 0.31 13.14
C ALA A 214 -7.34 -0.97 13.86
N ARG A 215 -7.92 -0.84 15.05
CA ARG A 215 -8.35 -2.01 15.79
C ARG A 215 -9.58 -2.60 15.14
N TRP A 216 -10.40 -1.73 14.56
CA TRP A 216 -11.61 -2.18 13.89
C TRP A 216 -11.23 -2.97 12.66
N LEU A 217 -10.30 -2.39 11.91
CA LEU A 217 -9.82 -2.98 10.66
C LEU A 217 -9.24 -4.37 10.86
N PHE A 218 -8.34 -4.51 11.82
CA PHE A 218 -7.69 -5.78 12.08
C PHE A 218 -8.54 -6.83 12.79
N ASP A 219 -9.37 -6.40 13.74
CA ASP A 219 -10.19 -7.34 14.51
C ASP A 219 -11.66 -7.50 14.18
N GLU A 220 -12.22 -6.58 13.41
CA GLU A 220 -13.65 -6.66 13.08
C GLU A 220 -14.01 -6.62 11.61
N ALA A 221 -13.42 -5.67 10.88
CA ALA A 221 -13.72 -5.51 9.46
C ALA A 221 -13.66 -6.80 8.66
N ASP A 222 -14.69 -7.01 7.85
CA ASP A 222 -14.76 -8.17 6.98
C ASP A 222 -14.01 -7.67 5.76
N MET A 223 -12.86 -8.27 5.45
CA MET A 223 -12.07 -7.81 4.32
C MET A 223 -12.45 -8.32 2.93
N SER A 224 -13.47 -9.16 2.86
CA SER A 224 -13.88 -9.72 1.57
C SER A 224 -14.34 -8.67 0.56
N SER A 225 -15.17 -7.72 0.98
CA SER A 225 -15.64 -6.70 0.05
C SER A 225 -14.46 -5.99 -0.60
N THR A 226 -13.42 -5.75 0.19
CA THR A 226 -12.24 -5.05 -0.28
C THR A 226 -11.44 -5.83 -1.32
N TYR A 227 -11.10 -7.07 -1.00
CA TYR A 227 -10.34 -7.86 -1.97
C TYR A 227 -11.16 -8.13 -3.21
N GLU A 228 -12.46 -8.29 -3.04
CA GLU A 228 -13.32 -8.53 -4.19
C GLU A 228 -13.34 -7.30 -5.05
N TYR A 229 -13.24 -6.14 -4.40
CA TYR A 229 -13.21 -4.88 -5.13
C TYR A 229 -11.86 -4.78 -5.88
N GLN A 230 -10.78 -5.18 -5.22
CA GLN A 230 -9.49 -5.10 -5.89
C GLN A 230 -9.49 -5.90 -7.19
N LYS A 231 -10.04 -7.10 -7.15
CA LYS A 231 -10.10 -7.94 -8.35
C LYS A 231 -10.86 -7.25 -9.50
N ARG A 232 -11.99 -6.65 -9.19
CA ARG A 232 -12.79 -5.94 -10.20
C ARG A 232 -11.97 -4.76 -10.76
N TYR A 233 -11.28 -4.06 -9.85
CA TYR A 233 -10.45 -2.94 -10.22
C TYR A 233 -9.39 -3.42 -11.21
N LEU A 234 -8.70 -4.49 -10.85
CA LEU A 234 -7.66 -5.04 -11.72
C LEU A 234 -8.24 -5.52 -13.05
N GLN A 235 -9.46 -6.05 -13.03
CA GLN A 235 -10.07 -6.52 -14.27
C GLN A 235 -10.37 -5.34 -15.21
N VAL A 236 -10.61 -4.16 -14.64
CA VAL A 236 -10.87 -2.99 -15.45
C VAL A 236 -9.57 -2.49 -16.09
N LEU A 237 -8.48 -2.53 -15.32
CA LEU A 237 -7.21 -2.09 -15.85
C LEU A 237 -6.67 -3.07 -16.89
N GLN A 238 -6.94 -4.37 -16.70
CA GLN A 238 -6.50 -5.42 -17.65
C GLN A 238 -7.17 -5.31 -18.99
N SER A 239 -8.46 -4.93 -18.97
CA SER A 239 -9.25 -4.87 -20.19
C SER A 239 -8.60 -4.09 -21.32
N THR A 240 -7.78 -3.09 -21.01
CA THR A 240 -7.12 -2.34 -22.08
C THR A 240 -5.61 -2.53 -22.08
N ALA A 241 -5.08 -3.05 -20.97
CA ALA A 241 -3.65 -3.28 -20.81
C ALA A 241 -3.44 -4.62 -20.11
N PRO A 242 -3.62 -5.74 -20.84
CA PRO A 242 -3.48 -7.11 -20.34
C PRO A 242 -2.07 -7.53 -19.92
N GLY A 243 -2.02 -8.52 -19.03
CA GLY A 243 -0.77 -9.03 -18.54
C GLY A 243 -0.91 -9.78 -17.22
N SER A 244 0.21 -10.28 -16.70
CA SER A 244 0.20 -10.98 -15.42
C SER A 244 0.49 -9.92 -14.37
N TRP A 245 -0.36 -9.84 -13.35
CA TRP A 245 -0.18 -8.83 -12.32
C TRP A 245 0.94 -9.00 -11.31
N SER A 246 1.56 -7.88 -10.96
CA SER A 246 2.61 -7.82 -9.95
C SER A 246 2.07 -6.81 -8.95
N LEU A 247 1.75 -7.27 -7.76
CA LEU A 247 1.16 -6.39 -6.74
C LEU A 247 1.95 -6.35 -5.47
N LYS A 248 1.72 -5.30 -4.68
CA LYS A 248 2.38 -5.10 -3.40
C LYS A 248 1.54 -4.30 -2.41
N MET A 249 1.70 -4.66 -1.14
CA MET A 249 1.04 -4.01 -0.01
C MET A 249 1.40 -4.80 1.24
N PRO A 250 2.17 -4.20 2.15
CA PRO A 250 2.57 -4.88 3.39
C PRO A 250 1.43 -5.55 4.15
N SER A 251 0.36 -4.80 4.45
CA SER A 251 -0.76 -5.37 5.21
C SER A 251 -1.52 -6.50 4.52
N HIS A 252 -1.06 -6.93 3.35
CA HIS A 252 -1.69 -8.06 2.69
C HIS A 252 -1.42 -9.23 3.65
N SER A 253 -0.31 -9.12 4.37
CA SER A 253 0.08 -10.14 5.34
C SER A 253 -0.98 -10.23 6.44
N VAL A 254 -1.44 -9.08 6.91
CA VAL A 254 -2.45 -9.05 7.95
C VAL A 254 -3.74 -9.67 7.42
N HIS A 255 -4.16 -9.21 6.24
CA HIS A 255 -5.39 -9.70 5.63
C HIS A 255 -5.16 -10.89 4.71
N ILE A 256 -4.10 -11.66 4.94
CA ILE A 256 -3.79 -12.79 4.05
C ILE A 256 -4.92 -13.80 3.86
N GLU A 257 -5.78 -13.96 4.85
CA GLU A 257 -6.89 -14.89 4.72
C GLU A 257 -7.92 -14.45 3.68
N ALA A 258 -8.25 -13.16 3.65
CA ALA A 258 -9.23 -12.67 2.68
C ALA A 258 -8.62 -12.66 1.29
N LEU A 259 -7.32 -12.35 1.22
CA LEU A 259 -6.60 -12.33 -0.05
C LEU A 259 -6.71 -13.71 -0.69
N LEU A 260 -6.32 -14.75 0.04
CA LEU A 260 -6.36 -16.12 -0.46
C LEU A 260 -7.74 -16.52 -0.96
N LYS A 261 -8.76 -16.02 -0.27
CA LYS A 261 -10.14 -16.29 -0.63
C LYS A 261 -10.42 -15.79 -2.06
N VAL A 262 -10.00 -14.56 -2.36
CA VAL A 262 -10.21 -13.93 -3.67
C VAL A 262 -9.16 -14.29 -4.74
N PHE A 263 -7.91 -14.49 -4.32
CA PHE A 263 -6.84 -14.87 -5.24
C PHE A 263 -6.22 -16.17 -4.74
N PRO A 264 -6.99 -17.26 -4.70
CA PRO A 264 -6.47 -18.55 -4.23
C PRO A 264 -5.18 -19.03 -4.89
N ASP A 265 -4.95 -18.61 -6.13
CA ASP A 265 -3.75 -19.01 -6.88
C ASP A 265 -2.55 -18.06 -6.76
N ALA A 266 -2.69 -17.07 -5.89
CA ALA A 266 -1.65 -16.06 -5.69
C ALA A 266 -0.26 -16.60 -5.34
N ARG A 267 0.75 -16.07 -6.03
CA ARG A 267 2.13 -16.45 -5.77
C ARG A 267 2.63 -15.38 -4.79
N LEU A 268 2.74 -15.79 -3.53
CA LEU A 268 3.13 -14.91 -2.45
C LEU A 268 4.62 -14.70 -2.18
N ILE A 269 5.06 -13.46 -2.37
CA ILE A 269 6.44 -13.10 -2.11
C ILE A 269 6.45 -12.42 -0.75
N TRP A 270 7.02 -13.08 0.24
CA TRP A 270 7.09 -12.53 1.59
C TRP A 270 8.40 -11.74 1.71
N ALA A 271 8.29 -10.44 1.98
CA ALA A 271 9.47 -9.57 2.10
C ALA A 271 9.94 -9.51 3.55
N HIS A 272 11.21 -9.75 3.78
CA HIS A 272 11.78 -9.75 5.13
C HIS A 272 12.84 -8.69 5.38
N ARG A 273 12.99 -8.34 6.66
CA ARG A 273 13.97 -7.37 7.10
C ARG A 273 13.97 -7.34 8.62
N ASP A 274 15.07 -6.86 9.19
CA ASP A 274 15.24 -6.73 10.63
C ASP A 274 13.92 -6.15 11.18
N PRO A 275 13.20 -6.92 12.00
CA PRO A 275 11.92 -6.46 12.57
C PRO A 275 12.01 -5.28 13.52
N TYR A 276 13.12 -5.20 14.28
CA TYR A 276 13.30 -4.10 15.22
C TYR A 276 13.50 -2.81 14.43
N LYS A 277 14.28 -2.89 13.36
CA LYS A 277 14.55 -1.75 12.51
C LYS A 277 13.23 -1.30 11.87
N ALA A 278 12.54 -2.22 11.23
CA ALA A 278 11.29 -1.92 10.57
C ALA A 278 10.26 -1.28 11.51
N THR A 279 10.27 -1.67 12.77
CA THR A 279 9.32 -1.13 13.74
C THR A 279 9.57 0.35 14.03
N GLY A 280 10.83 0.69 14.25
CA GLY A 280 11.17 2.07 14.53
C GLY A 280 10.97 2.93 13.30
N SER A 281 11.19 2.32 12.14
CA SER A 281 11.02 3.00 10.88
C SER A 281 9.53 3.28 10.66
N LEU A 282 8.68 2.38 11.15
CA LEU A 282 7.24 2.56 11.01
C LEU A 282 6.80 3.79 11.80
N CYS A 283 7.24 3.86 13.06
CA CYS A 283 6.90 4.98 13.94
C CYS A 283 7.36 6.30 13.33
N ASN A 284 8.51 6.27 12.67
CA ASN A 284 9.05 7.47 12.07
C ASN A 284 8.22 7.85 10.85
N LEU A 285 7.79 6.84 10.09
CA LEU A 285 7.00 7.07 8.90
C LEU A 285 5.73 7.85 9.23
N TRP A 286 5.15 7.56 10.39
CA TRP A 286 3.92 8.20 10.82
C TRP A 286 4.02 9.69 11.10
N ARG A 287 5.23 10.18 11.32
CA ARG A 287 5.40 11.58 11.62
C ARG A 287 4.88 12.51 10.52
N LEU A 288 5.13 12.16 9.27
CA LEU A 288 4.69 13.00 8.16
C LEU A 288 3.17 13.23 8.15
N PRO A 289 2.34 12.16 8.09
CA PRO A 289 0.91 12.44 8.09
C PRO A 289 0.40 13.09 9.39
N GLN A 290 1.08 12.81 10.50
CA GLN A 290 0.70 13.41 11.78
C GLN A 290 0.89 14.91 11.67
N SER A 291 2.01 15.31 11.08
CA SER A 291 2.33 16.73 10.94
C SER A 291 1.50 17.44 9.89
N LEU A 292 0.89 16.69 8.98
CA LEU A 292 0.09 17.31 7.93
C LEU A 292 -1.32 17.65 8.35
N VAL A 293 -1.87 16.92 9.32
CA VAL A 293 -3.26 17.18 9.73
C VAL A 293 -3.54 17.22 11.22
N MET A 294 -2.51 17.02 12.05
CA MET A 294 -2.69 17.01 13.50
C MET A 294 -1.85 18.03 14.26
N ASN A 295 -2.34 18.36 15.45
CA ASN A 295 -1.64 19.28 16.36
C ASN A 295 -0.67 18.35 17.08
N THR A 296 0.51 18.16 16.50
CA THR A 296 1.52 17.26 17.06
C THR A 296 1.84 17.36 18.54
N GLU A 297 1.64 18.52 19.16
CA GLU A 297 1.94 18.65 20.58
C GLU A 297 0.98 17.84 21.45
N LEU A 298 -0.16 17.48 20.89
CA LEU A 298 -1.13 16.69 21.62
C LEU A 298 -0.82 15.20 21.50
N LEU A 299 0.18 14.87 20.69
CA LEU A 299 0.56 13.48 20.47
C LEU A 299 1.68 13.02 21.40
N ASP A 300 1.65 11.74 21.76
CA ASP A 300 2.66 11.15 22.61
C ASP A 300 3.39 10.09 21.80
N GLN A 301 4.64 10.40 21.41
CA GLN A 301 5.45 9.49 20.59
C GLN A 301 5.80 8.19 21.29
N THR A 302 5.76 8.19 22.62
CA THR A 302 6.07 7.00 23.38
C THR A 302 4.91 6.04 23.23
N GLU A 303 3.71 6.59 23.07
CA GLU A 303 2.53 5.76 22.92
C GLU A 303 2.41 5.26 21.48
N MET A 304 3.12 5.91 20.57
CA MET A 304 3.09 5.50 19.17
C MET A 304 3.88 4.20 19.03
N GLY A 305 4.84 4.01 19.92
CA GLY A 305 5.64 2.80 19.91
C GLY A 305 4.85 1.54 20.20
N ARG A 306 3.93 1.60 21.15
CA ARG A 306 3.12 0.42 21.47
C ARG A 306 2.13 0.11 20.35
N LEU A 307 1.66 1.14 19.65
CA LEU A 307 0.73 0.92 18.55
C LEU A 307 1.50 0.25 17.41
N ALA A 308 2.69 0.76 17.13
CA ALA A 308 3.51 0.18 16.07
C ALA A 308 3.80 -1.28 16.41
N MET A 309 4.07 -1.56 17.68
CA MET A 309 4.35 -2.91 18.13
C MET A 309 3.14 -3.81 17.93
N TRP A 310 1.97 -3.30 18.28
CA TRP A 310 0.72 -4.02 18.15
C TRP A 310 0.45 -4.33 16.67
N GLN A 311 0.67 -3.34 15.81
CA GLN A 311 0.46 -3.51 14.38
C GLN A 311 1.44 -4.50 13.77
N MET A 312 2.70 -4.42 14.18
CA MET A 312 3.70 -5.33 13.65
C MET A 312 3.37 -6.78 14.01
N ARG A 313 2.85 -7.01 15.21
CA ARG A 313 2.50 -8.37 15.63
C ARG A 313 1.58 -9.03 14.59
N TYR A 314 0.57 -8.29 14.14
CA TYR A 314 -0.36 -8.82 13.15
C TYR A 314 0.36 -9.05 11.82
N HIS A 315 1.32 -8.20 11.50
CA HIS A 315 2.04 -8.35 10.23
C HIS A 315 2.89 -9.59 10.14
N VAL A 316 3.28 -10.17 11.28
CA VAL A 316 4.09 -11.38 11.25
C VAL A 316 3.28 -12.63 11.58
N ASP A 317 2.40 -12.55 12.57
CA ASP A 317 1.62 -13.72 12.95
C ASP A 317 0.53 -14.10 11.94
N ARG A 318 -0.17 -13.12 11.37
CA ARG A 318 -1.21 -13.47 10.40
C ARG A 318 -0.62 -14.33 9.31
N PRO A 319 0.48 -13.89 8.68
CA PRO A 319 1.07 -14.72 7.61
C PRO A 319 1.76 -15.98 8.17
N LEU A 320 2.29 -15.92 9.39
CA LEU A 320 2.93 -17.12 9.95
C LEU A 320 1.91 -18.26 10.09
N ARG A 321 0.71 -17.93 10.56
CA ARG A 321 -0.33 -18.93 10.71
C ARG A 321 -0.76 -19.49 9.36
N ALA A 322 -0.90 -18.60 8.36
CA ALA A 322 -1.31 -19.02 7.03
C ALA A 322 -0.28 -19.94 6.39
N ARG A 323 0.99 -19.65 6.65
CA ARG A 323 2.09 -20.44 6.13
C ARG A 323 2.11 -21.84 6.77
N GLU A 324 1.80 -21.89 8.06
CA GLU A 324 1.78 -23.15 8.76
C GLU A 324 0.69 -24.05 8.16
N ARG A 325 -0.40 -23.42 7.73
CA ARG A 325 -1.52 -24.14 7.17
C ARG A 325 -1.38 -24.56 5.72
N ILE A 326 -0.88 -23.67 4.87
CA ILE A 326 -0.75 -23.97 3.44
C ILE A 326 0.64 -24.40 2.95
N GLY A 327 1.66 -24.25 3.80
CA GLY A 327 3.00 -24.66 3.42
C GLY A 327 3.96 -23.55 3.01
N ASP A 328 5.24 -23.74 3.32
CA ASP A 328 6.25 -22.76 2.97
C ASP A 328 6.42 -22.58 1.47
N GLU A 329 6.13 -23.64 0.71
CA GLU A 329 6.28 -23.59 -0.74
C GLU A 329 5.36 -22.58 -1.46
N ARG A 330 4.32 -22.11 -0.77
CA ARG A 330 3.41 -21.14 -1.37
C ARG A 330 4.01 -19.73 -1.33
N PHE A 331 5.16 -19.62 -0.70
CA PHE A 331 5.83 -18.33 -0.55
C PHE A 331 7.25 -18.31 -1.14
N PHE A 332 7.72 -17.10 -1.42
CA PHE A 332 9.09 -16.91 -1.89
C PHE A 332 9.60 -15.93 -0.85
N HIS A 333 10.78 -16.18 -0.29
CA HIS A 333 11.28 -15.27 0.72
C HIS A 333 12.34 -14.31 0.23
N MET A 334 11.96 -13.05 0.21
CA MET A 334 12.84 -11.99 -0.23
C MET A 334 13.39 -11.25 0.98
N TYR A 335 14.69 -11.37 1.19
CA TYR A 335 15.36 -10.73 2.32
C TYR A 335 15.97 -9.40 1.92
N TYR A 336 15.81 -8.41 2.79
CA TYR A 336 16.36 -7.08 2.55
C TYR A 336 17.87 -7.16 2.28
N HIS A 337 18.57 -7.92 3.12
CA HIS A 337 20.00 -8.04 2.96
C HIS A 337 20.42 -8.66 1.64
N GLU A 338 19.58 -9.51 1.08
CA GLU A 338 19.89 -10.15 -0.20
C GLU A 338 19.58 -9.20 -1.34
N MET A 339 18.56 -8.38 -1.13
CA MET A 339 18.13 -7.40 -2.13
C MET A 339 19.19 -6.30 -2.30
N MET A 340 19.97 -6.06 -1.24
CA MET A 340 21.02 -5.03 -1.27
C MET A 340 22.30 -5.54 -1.89
N ARG A 341 22.75 -6.72 -1.47
CA ARG A 341 23.98 -7.32 -1.98
C ARG A 341 23.89 -7.82 -3.42
N ASP A 342 22.73 -8.30 -3.83
CA ASP A 342 22.61 -8.80 -5.19
C ASP A 342 21.16 -9.03 -5.61
N PRO A 343 20.48 -7.96 -6.03
CA PRO A 343 19.08 -8.03 -6.47
C PRO A 343 18.85 -8.91 -7.71
N MET A 344 19.76 -8.85 -8.68
CA MET A 344 19.61 -9.65 -9.88
C MET A 344 19.55 -11.14 -9.56
N ASP A 345 20.27 -11.54 -8.52
CA ASP A 345 20.26 -12.94 -8.13
C ASP A 345 18.87 -13.30 -7.62
N VAL A 346 18.30 -12.44 -6.79
CA VAL A 346 16.97 -12.66 -6.26
C VAL A 346 15.94 -12.79 -7.39
N MET A 347 16.04 -11.93 -8.40
CA MET A 347 15.11 -11.96 -9.51
C MET A 347 15.10 -13.30 -10.24
N ARG A 348 16.28 -13.80 -10.58
CA ARG A 348 16.38 -15.06 -11.29
C ARG A 348 15.73 -16.17 -10.48
N ARG A 349 15.96 -16.15 -9.17
CA ARG A 349 15.38 -17.16 -8.30
C ARG A 349 13.87 -16.99 -8.16
N ILE A 350 13.40 -15.75 -8.24
CA ILE A 350 11.98 -15.50 -8.16
C ILE A 350 11.36 -16.09 -9.42
N TYR A 351 11.98 -15.80 -10.57
CA TYR A 351 11.47 -16.32 -11.82
C TYR A 351 11.49 -17.85 -11.87
N GLU A 352 12.55 -18.46 -11.33
CA GLU A 352 12.64 -19.93 -11.32
C GLU A 352 11.49 -20.45 -10.48
N TRP A 353 11.35 -19.88 -9.29
CA TRP A 353 10.31 -20.25 -8.35
C TRP A 353 8.92 -20.07 -8.95
N ALA A 354 8.69 -18.96 -9.65
CA ALA A 354 7.40 -18.72 -10.27
C ALA A 354 7.32 -19.50 -11.58
N ASP A 355 8.41 -20.23 -11.86
CA ASP A 355 8.53 -21.03 -13.06
C ASP A 355 8.15 -20.23 -14.30
N GLU A 356 8.87 -19.13 -14.50
CA GLU A 356 8.64 -18.27 -15.65
C GLU A 356 10.01 -17.87 -16.21
N PRO A 357 10.12 -17.81 -17.54
CA PRO A 357 11.40 -17.44 -18.14
C PRO A 357 11.74 -15.96 -18.00
N LEU A 358 13.00 -15.70 -17.65
CA LEU A 358 13.51 -14.35 -17.51
C LEU A 358 14.25 -14.12 -18.82
N THR A 359 13.59 -13.49 -19.78
CA THR A 359 14.21 -13.23 -21.07
C THR A 359 15.42 -12.32 -20.91
N ALA A 360 16.26 -12.32 -21.94
CA ALA A 360 17.48 -11.51 -21.94
C ALA A 360 17.11 -10.04 -22.00
N GLU A 361 16.09 -9.72 -22.79
CA GLU A 361 15.65 -8.34 -22.93
C GLU A 361 15.24 -7.79 -21.56
N THR A 362 14.46 -8.58 -20.83
CA THR A 362 13.99 -8.19 -19.51
C THR A 362 15.16 -8.05 -18.54
N GLU A 363 16.05 -9.04 -18.53
CA GLU A 363 17.22 -9.02 -17.65
C GLU A 363 18.05 -7.76 -17.91
N ALA A 364 18.09 -7.33 -19.16
CA ALA A 364 18.84 -6.13 -19.52
C ALA A 364 18.16 -4.88 -18.95
N ARG A 365 16.83 -4.83 -19.04
CA ARG A 365 16.06 -3.69 -18.52
C ARG A 365 16.24 -3.61 -17.01
N MET A 366 16.27 -4.77 -16.36
CA MET A 366 16.46 -4.80 -14.92
C MET A 366 17.84 -4.26 -14.55
N ARG A 367 18.85 -4.65 -15.32
CA ARG A 367 20.21 -4.20 -15.09
C ARG A 367 20.35 -2.72 -15.38
N ASN A 368 19.68 -2.27 -16.43
CA ASN A 368 19.72 -0.86 -16.79
C ASN A 368 19.07 -0.03 -15.70
N TRP A 369 18.03 -0.58 -15.07
CA TRP A 369 17.34 0.14 -14.00
C TRP A 369 18.25 0.28 -12.79
N LEU A 370 18.85 -0.83 -12.37
CA LEU A 370 19.75 -0.83 -11.20
C LEU A 370 20.94 0.10 -11.37
N ALA A 371 21.45 0.17 -12.60
CA ALA A 371 22.60 1.01 -12.90
C ALA A 371 22.26 2.47 -12.67
N HIS A 372 21.03 2.85 -13.01
CA HIS A 372 20.57 4.22 -12.87
C HIS A 372 19.90 4.50 -11.54
N HIS A 373 19.87 3.51 -10.66
CA HIS A 373 19.25 3.72 -9.36
C HIS A 373 20.05 3.03 -8.25
N PRO A 374 21.21 3.59 -7.90
CA PRO A 374 22.02 3.00 -6.84
C PRO A 374 21.19 2.85 -5.58
N GLN A 375 21.49 1.80 -4.81
CA GLN A 375 20.75 1.54 -3.59
C GLN A 375 21.64 1.72 -2.36
N ASP A 376 21.02 2.12 -1.26
CA ASP A 376 21.74 2.33 -0.01
C ASP A 376 22.39 1.04 0.48
N ARG A 377 23.72 1.08 0.60
CA ARG A 377 24.50 -0.07 1.04
C ARG A 377 23.89 -0.63 2.34
N PHE A 378 24.10 -1.92 2.58
CA PHE A 378 23.59 -2.55 3.80
C PHE A 378 24.47 -2.03 4.94
N ALA A 379 23.85 -1.47 5.97
CA ALA A 379 24.62 -0.94 7.09
C ALA A 379 23.97 -1.15 8.45
N LEU A 380 24.81 -1.31 9.47
CA LEU A 380 24.34 -1.51 10.84
C LEU A 380 24.45 -0.23 11.66
N ASN A 381 23.33 0.19 12.24
CA ASN A 381 23.27 1.38 13.07
C ASN A 381 22.33 1.07 14.22
N ALA A 382 22.35 1.92 15.24
CA ALA A 382 21.49 1.70 16.39
C ALA A 382 20.06 2.01 15.95
N TYR A 383 19.15 1.06 16.17
CA TYR A 383 17.76 1.26 15.77
C TYR A 383 17.20 2.40 16.61
N ARG A 384 17.29 2.17 17.92
CA ARG A 384 16.81 3.08 18.94
C ARG A 384 15.37 3.48 18.74
N LEU A 385 14.54 2.75 19.48
CA LEU A 385 13.11 2.92 19.50
C LEU A 385 12.82 3.77 20.73
N ASP A 386 13.87 4.34 21.30
CA ASP A 386 13.76 5.19 22.49
C ASP A 386 12.82 6.33 22.18
N GLU A 387 13.05 6.92 21.00
CA GLU A 387 12.27 8.04 20.53
C GLU A 387 10.78 7.71 20.57
N TYR A 388 10.45 6.42 20.63
CA TYR A 388 9.06 5.98 20.65
C TYR A 388 8.69 5.09 21.84
N GLY A 389 9.55 5.07 22.84
CA GLY A 389 9.29 4.28 24.03
C GLY A 389 9.42 2.78 23.89
N LEU A 390 10.35 2.34 23.04
CA LEU A 390 10.55 0.91 22.84
C LEU A 390 11.99 0.47 23.07
N THR A 391 12.18 -0.84 23.16
CA THR A 391 13.49 -1.42 23.35
C THR A 391 13.47 -2.75 22.62
N VAL A 392 14.63 -3.23 22.20
CA VAL A 392 14.69 -4.52 21.51
C VAL A 392 14.17 -5.61 22.44
N GLU A 393 14.41 -5.44 23.74
CA GLU A 393 13.96 -6.42 24.72
C GLU A 393 12.44 -6.53 24.76
N ALA A 394 11.76 -5.40 24.51
CA ALA A 394 10.30 -5.40 24.54
C ALA A 394 9.70 -5.99 23.26
N LEU A 395 10.41 -5.83 22.15
CA LEU A 395 9.93 -6.32 20.88
C LEU A 395 10.28 -7.78 20.64
N GLN A 396 11.35 -8.24 21.29
CA GLN A 396 11.82 -9.62 21.13
C GLN A 396 10.70 -10.68 21.17
N PRO A 397 9.79 -10.62 22.14
CA PRO A 397 8.71 -11.61 22.21
C PRO A 397 7.75 -11.58 21.02
N ILE A 398 7.51 -10.39 20.48
CA ILE A 398 6.62 -10.23 19.32
C ILE A 398 7.18 -10.94 18.07
N PHE A 399 8.48 -10.81 17.86
CA PHE A 399 9.13 -11.39 16.68
C PHE A 399 9.94 -12.65 16.96
N ALA A 400 9.80 -13.21 18.15
CA ALA A 400 10.54 -14.40 18.54
C ALA A 400 10.42 -15.51 17.49
N GLU A 401 9.19 -15.96 17.25
CA GLU A 401 8.93 -17.01 16.28
C GLU A 401 9.46 -16.58 14.91
N TYR A 402 9.00 -15.41 14.48
CA TYR A 402 9.40 -14.85 13.20
C TYR A 402 10.91 -14.93 12.94
N LEU A 403 11.70 -14.44 13.89
CA LEU A 403 13.15 -14.47 13.73
C LEU A 403 13.67 -15.89 13.80
N ASP A 404 12.91 -16.76 14.46
CA ASP A 404 13.31 -18.15 14.60
C ASP A 404 13.05 -18.97 13.35
N THR A 405 11.98 -18.65 12.64
CA THR A 405 11.66 -19.41 11.44
C THR A 405 12.34 -18.86 10.18
N PHE A 406 12.67 -17.57 10.18
CA PHE A 406 13.31 -16.95 9.03
C PHE A 406 14.70 -16.42 9.37
N ASP A 407 15.68 -16.75 8.53
CA ASP A 407 17.05 -16.34 8.75
C ASP A 407 17.30 -14.90 8.31
N ILE A 408 16.96 -13.96 9.17
CA ILE A 408 17.11 -12.54 8.87
C ILE A 408 18.38 -11.93 9.44
N GLU A 409 19.13 -11.26 8.56
CA GLU A 409 20.38 -10.60 8.94
C GLU A 409 20.06 -9.26 9.61
N LEU A 410 20.31 -9.17 10.91
CA LEU A 410 20.01 -7.95 11.65
C LEU A 410 20.96 -6.78 11.37
N GLU A 411 20.44 -5.57 11.55
CA GLU A 411 21.21 -4.34 11.34
C GLU A 411 21.34 -3.58 12.66
N GLY A 412 21.37 -4.32 13.76
CA GLY A 412 21.44 -3.70 15.08
C GLY A 412 22.74 -3.15 15.60
N ARG A 413 22.66 -2.57 16.81
CA ARG A 413 23.78 -1.97 17.53
C ARG A 413 24.97 -1.54 16.69
S SO4 B . 9.37 0.03 1.71
O1 SO4 B . 10.40 0.29 2.74
O2 SO4 B . 8.33 -0.89 2.24
O3 SO4 B . 8.75 1.30 1.31
O4 SO4 B . 10.01 -0.59 0.52
C1 PLM C . -1.21 3.44 9.77
O1 PLM C . -1.53 3.22 10.95
O2 PLM C . -1.89 4.07 8.92
C2 PLM C . 0.15 2.90 9.30
C3 PLM C . 0.32 1.43 9.68
C4 PLM C . 1.61 0.83 9.11
C5 PLM C . 1.63 0.87 7.57
C6 PLM C . 2.04 2.25 7.05
C7 PLM C . 1.75 2.36 5.56
C8 PLM C . 0.24 2.50 5.31
C9 PLM C . -0.17 1.68 4.09
CA PLM C . 0.71 2.01 2.87
CB PLM C . 0.65 0.90 1.83
CC PLM C . 1.05 -0.43 2.47
CD PLM C . -0.13 -1.04 3.24
CE PLM C . 0.33 -2.05 4.30
CF PLM C . 1.15 -1.35 5.37
CG PLM C . 1.51 -2.29 6.53
#